data_1AFT
#
_entry.id   1AFT
#
_cell.length_a   1.000
_cell.length_b   1.000
_cell.length_c   1.000
_cell.angle_alpha   90.00
_cell.angle_beta   90.00
_cell.angle_gamma   90.00
#
_symmetry.space_group_name_H-M   'P 1'
#
_entity_poly.entity_id   1
_entity_poly.type   'polypeptide(L)'
_entity_poly.pdbx_seq_one_letter_code
;(ACE)FTLDADF
;
_entity_poly.pdbx_strand_id   A
#
# COMPACT_ATOMS: atom_id res chain seq x y z
N PHE A 2 -4.63 0.61 -4.10
CA PHE A 2 -4.86 -0.42 -3.08
C PHE A 2 -4.15 0.00 -1.80
N THR A 3 -2.94 -0.44 -1.67
CA THR A 3 -2.10 -0.13 -0.49
C THR A 3 -0.86 0.68 -0.83
N LEU A 4 -1.06 1.84 -1.39
CA LEU A 4 0.12 2.69 -1.73
C LEU A 4 0.31 3.56 -0.47
N ASP A 5 0.21 2.86 0.61
CA ASP A 5 0.33 3.36 2.01
C ASP A 5 1.36 2.46 2.67
N ALA A 6 1.13 1.18 2.47
CA ALA A 6 2.02 0.12 3.04
C ALA A 6 2.98 -0.35 1.94
N ASP A 7 2.33 -0.66 0.85
CA ASP A 7 2.89 -1.15 -0.45
C ASP A 7 2.18 -2.47 -0.65
N PHE A 8 2.34 -3.21 0.40
CA PHE A 8 1.79 -4.57 0.60
C PHE A 8 0.73 -4.51 1.71
N PHE A 2 -4.61 0.33 -4.08
CA PHE A 2 -4.77 -0.69 -3.03
C PHE A 2 -4.10 -0.19 -1.77
N THR A 3 -2.87 -0.58 -1.59
CA THR A 3 -2.07 -0.18 -0.42
C THR A 3 -0.87 0.69 -0.76
N LEU A 4 -1.14 1.85 -1.32
CA LEU A 4 -0.01 2.76 -1.67
C LEU A 4 0.30 3.62 -0.43
N ASP A 5 0.23 2.93 0.68
CA ASP A 5 0.48 3.46 2.04
C ASP A 5 1.49 2.51 2.68
N ALA A 6 1.21 1.25 2.49
CA ALA A 6 2.07 0.16 3.04
C ALA A 6 3.03 -0.31 1.95
N ASP A 7 2.39 -0.63 0.85
CA ASP A 7 2.97 -1.13 -0.43
C ASP A 7 2.28 -2.48 -0.67
N PHE A 8 1.98 -3.09 0.45
CA PHE A 8 1.32 -4.42 0.48
C PHE A 8 -0.03 -4.36 1.20
N PHE A 2 -4.58 0.34 -4.10
CA PHE A 2 -4.73 -0.69 -3.08
C PHE A 2 -4.06 -0.19 -1.81
N THR A 3 -2.83 -0.58 -1.63
CA THR A 3 -2.03 -0.18 -0.45
C THR A 3 -0.85 0.71 -0.77
N LEU A 4 -1.14 1.87 -1.31
CA LEU A 4 -0.03 2.81 -1.65
C LEU A 4 0.26 3.65 -0.39
N ASP A 5 0.21 2.94 0.70
CA ASP A 5 0.44 3.45 2.08
C ASP A 5 1.48 2.53 2.70
N ALA A 6 1.26 1.25 2.49
CA ALA A 6 2.16 0.19 3.01
C ALA A 6 3.06 -0.29 1.90
N ASP A 7 2.38 -0.64 0.84
CA ASP A 7 2.92 -1.16 -0.46
C ASP A 7 2.22 -2.51 -0.66
N PHE A 8 1.95 -3.12 0.46
CA PHE A 8 1.28 -4.45 0.51
C PHE A 8 0.00 -4.44 1.35
N PHE A 2 -4.60 0.41 -4.04
CA PHE A 2 -4.74 -0.64 -3.02
C PHE A 2 -4.05 -0.17 -1.74
N THR A 3 -2.81 -0.53 -1.61
CA THR A 3 -1.98 -0.17 -0.44
C THR A 3 -0.80 0.72 -0.80
N LEU A 4 -1.09 1.87 -1.33
CA LEU A 4 0.01 2.82 -1.70
C LEU A 4 0.25 3.69 -0.45
N ASP A 5 0.22 2.98 0.64
CA ASP A 5 0.39 3.43 2.03
C ASP A 5 1.41 2.51 2.70
N ALA A 6 1.23 1.24 2.44
CA ALA A 6 2.12 0.17 2.99
C ALA A 6 3.04 -0.31 1.89
N ASP A 7 2.39 -0.67 0.83
CA ASP A 7 2.95 -1.20 -0.45
C ASP A 7 2.25 -2.55 -0.66
N PHE A 8 1.99 -3.16 0.46
CA PHE A 8 1.32 -4.49 0.52
C PHE A 8 0.04 -4.48 1.35
N PHE A 2 -4.61 0.39 -4.02
CA PHE A 2 -4.82 -0.60 -2.96
C PHE A 2 -4.10 -0.13 -1.70
N THR A 3 -2.88 -0.54 -1.55
CA THR A 3 -2.04 -0.19 -0.39
C THR A 3 -0.83 0.66 -0.77
N LEU A 4 -1.08 1.80 -1.34
CA LEU A 4 0.07 2.69 -1.73
C LEU A 4 0.31 3.61 -0.52
N ASP A 5 0.24 2.93 0.59
CA ASP A 5 0.41 3.43 1.98
C ASP A 5 1.40 2.49 2.67
N ALA A 6 1.18 1.22 2.45
CA ALA A 6 2.03 0.15 3.04
C ALA A 6 3.02 -0.31 1.98
N ASP A 7 2.40 -0.62 0.87
CA ASP A 7 3.01 -1.13 -0.41
C ASP A 7 2.31 -2.46 -0.67
N PHE A 8 2.02 -3.10 0.43
CA PHE A 8 1.35 -4.42 0.44
C PHE A 8 -0.01 -4.37 1.15
N PHE A 2 -4.41 0.16 -4.11
CA PHE A 2 -4.44 -0.90 -3.09
C PHE A 2 -3.91 -0.29 -1.79
N THR A 3 -2.65 -0.47 -1.56
CA THR A 3 -1.98 0.04 -0.36
C THR A 3 -0.88 1.05 -0.68
N LEU A 4 -1.28 2.18 -1.18
CA LEU A 4 -0.27 3.23 -1.52
C LEU A 4 0.07 4.01 -0.24
N ASP A 5 0.16 3.23 0.81
CA ASP A 5 0.48 3.65 2.20
C ASP A 5 1.60 2.71 2.66
N ALA A 6 1.39 1.45 2.40
CA ALA A 6 2.37 0.39 2.77
C ALA A 6 3.03 -0.23 1.54
N ASP A 7 2.18 -0.81 0.74
CA ASP A 7 2.47 -1.52 -0.56
C ASP A 7 2.31 -3.02 -0.29
N PHE A 8 1.32 -3.32 0.51
CA PHE A 8 1.01 -4.74 0.90
C PHE A 8 -0.16 -5.34 0.08
N PHE A 2 -4.60 0.50 -4.06
CA PHE A 2 -4.81 -0.53 -3.01
C PHE A 2 -4.11 -0.10 -1.74
N THR A 3 -2.89 -0.51 -1.61
CA THR A 3 -2.04 -0.19 -0.43
C THR A 3 -0.83 0.64 -0.79
N LEU A 4 -1.05 1.80 -1.34
CA LEU A 4 0.11 2.68 -1.70
C LEU A 4 0.30 3.56 -0.44
N ASP A 5 0.20 2.86 0.65
CA ASP A 5 0.32 3.36 2.04
C ASP A 5 1.39 2.48 2.68
N ALA A 6 1.17 1.21 2.48
CA ALA A 6 2.09 0.16 3.02
C ALA A 6 3.03 -0.28 1.90
N ASP A 7 2.39 -0.63 0.83
CA ASP A 7 2.95 -1.14 -0.48
C ASP A 7 2.29 -2.50 -0.67
N PHE A 8 2.07 -3.09 0.47
CA PHE A 8 1.44 -4.42 0.62
C PHE A 8 0.04 -4.29 1.24
N PHE A 2 -4.60 0.38 -4.04
CA PHE A 2 -4.74 -0.66 -3.01
C PHE A 2 -4.06 -0.17 -1.74
N THR A 3 -2.83 -0.54 -1.60
CA THR A 3 -2.01 -0.15 -0.42
C THR A 3 -0.82 0.73 -0.77
N LEU A 4 -1.10 1.88 -1.32
CA LEU A 4 0.01 2.82 -1.70
C LEU A 4 0.26 3.69 -0.45
N ASP A 5 0.22 2.98 0.64
CA ASP A 5 0.40 3.44 2.04
C ASP A 5 1.42 2.52 2.69
N ALA A 6 1.22 1.24 2.44
CA ALA A 6 2.11 0.17 3.00
C ALA A 6 3.04 -0.31 1.90
N ASP A 7 2.39 -0.67 0.83
CA ASP A 7 2.96 -1.21 -0.44
C ASP A 7 2.27 -2.55 -0.67
N PHE A 8 1.98 -3.16 0.45
CA PHE A 8 1.31 -4.48 0.50
C PHE A 8 0.01 -4.47 1.31
N PHE A 2 -4.59 0.34 -4.11
CA PHE A 2 -4.73 -0.70 -3.08
C PHE A 2 -4.06 -0.19 -1.81
N THR A 3 -2.83 -0.57 -1.63
CA THR A 3 -2.04 -0.17 -0.45
C THR A 3 -0.86 0.72 -0.77
N LEU A 4 -1.15 1.88 -1.30
CA LEU A 4 -0.03 2.82 -1.65
C LEU A 4 0.26 3.66 -0.39
N ASP A 5 0.21 2.95 0.70
CA ASP A 5 0.45 3.46 2.08
C ASP A 5 1.49 2.53 2.70
N ALA A 6 1.25 1.25 2.50
CA ALA A 6 2.14 0.19 3.01
C ALA A 6 3.05 -0.30 1.90
N ASP A 7 2.37 -0.64 0.84
CA ASP A 7 2.92 -1.17 -0.45
C ASP A 7 2.23 -2.51 -0.66
N PHE A 8 1.96 -3.13 0.46
CA PHE A 8 1.30 -4.46 0.51
C PHE A 8 0.02 -4.45 1.35
N PHE A 2 -4.54 0.50 -4.19
CA PHE A 2 -4.69 -0.56 -3.19
C PHE A 2 -4.06 -0.08 -1.88
N THR A 3 -2.83 -0.43 -1.69
CA THR A 3 -2.07 -0.05 -0.49
C THR A 3 -0.89 0.85 -0.78
N LEU A 4 -1.17 2.02 -1.30
CA LEU A 4 -0.07 2.99 -1.61
C LEU A 4 0.18 3.80 -0.33
N ASP A 5 0.17 3.03 0.72
CA ASP A 5 0.37 3.41 2.13
C ASP A 5 1.42 2.48 2.70
N ALA A 6 1.25 1.21 2.39
CA ALA A 6 2.18 0.15 2.86
C ALA A 6 3.02 -0.35 1.70
N ASP A 7 2.28 -0.77 0.71
CA ASP A 7 2.74 -1.34 -0.60
C ASP A 7 2.21 -2.76 -0.61
N PHE A 8 2.18 -3.29 0.58
CA PHE A 8 1.71 -4.67 0.86
C PHE A 8 0.50 -4.60 1.82
N PHE A 2 -4.78 0.81 -3.80
CA PHE A 2 -4.81 -0.36 -2.92
C PHE A 2 -3.95 -0.14 -1.69
N THR A 3 -2.69 -0.41 -1.82
CA THR A 3 -1.70 -0.25 -0.72
C THR A 3 -0.62 0.78 -1.02
N LEU A 4 -1.03 1.96 -1.42
CA LEU A 4 0.00 3.02 -1.73
C LEU A 4 0.12 3.79 -0.40
N ASP A 5 0.09 2.98 0.62
CA ASP A 5 0.17 3.37 2.06
C ASP A 5 1.26 2.50 2.67
N ALA A 6 1.11 1.24 2.38
CA ALA A 6 2.06 0.20 2.88
C ALA A 6 3.00 -0.32 1.80
N ASP A 7 2.35 -0.79 0.77
CA ASP A 7 2.95 -1.38 -0.48
C ASP A 7 2.29 -2.76 -0.57
N PHE A 8 2.05 -3.29 0.60
CA PHE A 8 1.41 -4.63 0.76
C PHE A 8 0.11 -4.57 1.58
N PHE A 2 -4.65 0.57 -4.02
CA PHE A 2 -4.75 -0.54 -3.05
C PHE A 2 -4.02 -0.14 -1.77
N THR A 3 -2.77 -0.47 -1.70
CA THR A 3 -1.92 -0.17 -0.53
C THR A 3 -0.77 0.78 -0.87
N LEU A 4 -1.10 1.95 -1.35
CA LEU A 4 -0.04 2.94 -1.68
C LEU A 4 0.18 3.77 -0.41
N ASP A 5 0.17 3.01 0.65
CA ASP A 5 0.35 3.43 2.06
C ASP A 5 1.38 2.51 2.69
N ALA A 6 1.21 1.24 2.40
CA ALA A 6 2.11 0.18 2.92
C ALA A 6 3.03 -0.33 1.82
N ASP A 7 2.34 -0.72 0.77
CA ASP A 7 2.89 -1.30 -0.51
C ASP A 7 2.25 -2.68 -0.62
N PHE A 8 2.06 -3.24 0.54
CA PHE A 8 1.46 -4.59 0.70
C PHE A 8 0.18 -4.59 1.53
N PHE A 2 -5.07 1.28 -4.28
CA PHE A 2 -5.34 0.24 -3.27
C PHE A 2 -4.63 0.64 -1.98
N THR A 3 -3.43 0.15 -1.81
CA THR A 3 -2.61 0.42 -0.62
C THR A 3 -1.32 1.16 -0.92
N LEU A 4 -1.45 2.34 -1.47
CA LEU A 4 -0.23 3.14 -1.80
C LEU A 4 0.21 3.87 -0.52
N ASP A 5 0.16 3.11 0.53
CA ASP A 5 0.52 3.51 1.92
C ASP A 5 1.42 2.41 2.49
N ALA A 6 0.99 1.20 2.26
CA ALA A 6 1.72 0.00 2.76
C ALA A 6 2.36 -0.87 1.68
N ASP A 7 1.56 -1.18 0.69
CA ASP A 7 1.99 -2.04 -0.47
C ASP A 7 2.83 -3.25 -0.04
N PHE A 8 2.44 -3.69 1.12
CA PHE A 8 2.99 -4.86 1.88
C PHE A 8 4.30 -5.48 1.32
N PHE A 2 -4.80 0.88 -3.76
CA PHE A 2 -4.79 -0.33 -2.92
C PHE A 2 -3.91 -0.14 -1.70
N THR A 3 -2.64 -0.38 -1.88
CA THR A 3 -1.64 -0.23 -0.79
C THR A 3 -0.59 0.83 -1.07
N LEU A 4 -1.02 2.01 -1.43
CA LEU A 4 -0.03 3.10 -1.71
C LEU A 4 0.09 3.84 -0.36
N ASP A 5 0.05 3.00 0.65
CA ASP A 5 0.14 3.38 2.08
C ASP A 5 1.24 2.50 2.66
N ALA A 6 1.10 1.24 2.36
CA ALA A 6 2.06 0.19 2.84
C ALA A 6 2.97 -0.33 1.73
N ASP A 7 2.30 -0.82 0.72
CA ASP A 7 2.86 -1.43 -0.53
C ASP A 7 2.26 -2.84 -0.55
N PHE A 8 2.09 -3.34 0.64
CA PHE A 8 1.52 -4.68 0.88
C PHE A 8 0.21 -4.62 1.70
N PHE A 2 -4.62 0.38 -4.02
CA PHE A 2 -4.78 -0.64 -2.98
C PHE A 2 -4.07 -0.15 -1.71
N THR A 3 -2.84 -0.55 -1.57
CA THR A 3 -2.02 -0.16 -0.41
C THR A 3 -0.81 0.70 -0.78
N LEU A 4 -1.09 1.85 -1.33
CA LEU A 4 0.03 2.77 -1.71
C LEU A 4 0.28 3.67 -0.48
N ASP A 5 0.22 2.96 0.61
CA ASP A 5 0.42 3.45 2.00
C ASP A 5 1.41 2.50 2.68
N ALA A 6 1.20 1.23 2.44
CA ALA A 6 2.05 0.15 3.00
C ALA A 6 3.02 -0.32 1.94
N ASP A 7 2.39 -0.65 0.85
CA ASP A 7 3.00 -1.18 -0.43
C ASP A 7 2.30 -2.52 -0.66
N PHE A 8 2.02 -3.13 0.45
CA PHE A 8 1.35 -4.46 0.49
C PHE A 8 -0.01 -4.39 1.20
N PHE A 2 -4.62 0.38 -4.08
CA PHE A 2 -4.76 -0.68 -3.06
C PHE A 2 -4.07 -0.19 -1.79
N THR A 3 -2.84 -0.56 -1.63
CA THR A 3 -2.04 -0.18 -0.46
C THR A 3 -0.85 0.72 -0.79
N LEU A 4 -1.14 1.87 -1.32
CA LEU A 4 -0.02 2.80 -1.67
C LEU A 4 0.26 3.65 -0.41
N ASP A 5 0.22 2.95 0.69
CA ASP A 5 0.45 3.47 2.06
C ASP A 5 1.48 2.53 2.69
N ALA A 6 1.23 1.25 2.49
CA ALA A 6 2.11 0.18 3.02
C ALA A 6 3.04 -0.30 1.92
N ASP A 7 2.37 -0.64 0.84
CA ASP A 7 2.93 -1.15 -0.45
C ASP A 7 2.25 -2.50 -0.65
N PHE A 8 1.99 -3.13 0.46
CA PHE A 8 1.34 -4.46 0.52
C PHE A 8 0.04 -4.46 1.34
N PHE A 2 -4.64 0.33 -4.04
CA PHE A 2 -4.80 -0.68 -2.99
C PHE A 2 -4.10 -0.17 -1.73
N THR A 3 -2.88 -0.57 -1.57
CA THR A 3 -2.06 -0.16 -0.41
C THR A 3 -0.86 0.70 -0.78
N LEU A 4 -1.14 1.84 -1.33
CA LEU A 4 -0.01 2.75 -1.71
C LEU A 4 0.32 3.62 -0.47
N ASP A 5 0.19 2.95 0.65
CA ASP A 5 0.45 3.47 2.01
C ASP A 5 1.42 2.52 2.70
N ALA A 6 1.23 1.25 2.44
CA ALA A 6 2.07 0.17 3.02
C ALA A 6 3.04 -0.31 1.95
N ASP A 7 2.41 -0.63 0.85
CA ASP A 7 3.00 -1.15 -0.42
C ASP A 7 2.31 -2.49 -0.67
N PHE A 8 2.00 -3.11 0.44
CA PHE A 8 1.33 -4.42 0.46
C PHE A 8 -0.02 -4.35 1.18
N PHE A 2 -4.58 0.44 -4.10
CA PHE A 2 -4.71 -0.62 -3.09
C PHE A 2 -4.05 -0.13 -1.80
N THR A 3 -2.81 -0.49 -1.64
CA THR A 3 -2.01 -0.10 -0.46
C THR A 3 -0.83 0.80 -0.80
N LEU A 4 -1.13 1.96 -1.31
CA LEU A 4 -0.02 2.91 -1.66
C LEU A 4 0.21 3.76 -0.39
N ASP A 5 0.20 3.00 0.67
CA ASP A 5 0.40 3.43 2.08
C ASP A 5 1.42 2.49 2.71
N ALA A 6 1.23 1.23 2.42
CA ALA A 6 2.12 0.15 2.94
C ALA A 6 3.01 -0.34 1.80
N ASP A 7 2.33 -0.72 0.76
CA ASP A 7 2.86 -1.26 -0.55
C ASP A 7 2.23 -2.65 -0.67
N PHE A 8 2.08 -3.21 0.49
CA PHE A 8 1.50 -4.55 0.73
C PHE A 8 0.22 -4.54 1.57
N PHE A 2 -4.72 1.53 -4.25
CA PHE A 2 -4.69 0.22 -3.57
C PHE A 2 -3.95 0.31 -2.26
N THR A 3 -2.68 0.09 -2.33
CA THR A 3 -1.81 0.13 -1.14
C THR A 3 -0.88 1.32 -1.20
N LEU A 4 -1.51 2.45 -1.26
CA LEU A 4 -0.75 3.73 -1.33
C LEU A 4 -0.44 4.14 0.12
N ASP A 5 -0.17 3.12 0.89
CA ASP A 5 0.16 3.23 2.33
C ASP A 5 1.39 2.36 2.58
N ALA A 6 1.29 1.13 2.14
CA ALA A 6 2.42 0.16 2.31
C ALA A 6 2.88 -0.52 1.04
N ASP A 7 2.04 -1.43 0.62
CA ASP A 7 2.16 -2.32 -0.59
C ASP A 7 2.25 -3.75 -0.05
N PHE A 8 2.71 -3.81 1.17
CA PHE A 8 2.89 -5.08 1.91
C PHE A 8 2.05 -5.09 3.21
N PHE A 2 -4.84 0.82 -3.72
CA PHE A 2 -4.84 -0.36 -2.84
C PHE A 2 -3.94 -0.14 -1.63
N THR A 3 -2.69 -0.41 -1.81
CA THR A 3 -1.68 -0.25 -0.73
C THR A 3 -0.61 0.78 -1.07
N LEU A 4 -1.03 1.96 -1.44
CA LEU A 4 -0.03 3.04 -1.78
C LEU A 4 0.15 3.81 -0.46
N ASP A 5 0.10 3.03 0.58
CA ASP A 5 0.24 3.43 2.00
C ASP A 5 1.24 2.49 2.66
N ALA A 6 1.08 1.24 2.36
CA ALA A 6 1.96 0.17 2.90
C ALA A 6 2.93 -0.36 1.85
N ASP A 7 2.31 -0.77 0.78
CA ASP A 7 2.94 -1.35 -0.46
C ASP A 7 2.33 -2.74 -0.58
N PHE A 8 2.08 -3.29 0.58
CA PHE A 8 1.49 -4.64 0.74
C PHE A 8 0.16 -4.63 1.51
N PHE A 2 -4.40 0.35 -4.15
CA PHE A 2 -4.69 -0.61 -3.08
C PHE A 2 -4.05 -0.14 -1.79
N THR A 3 -2.83 -0.53 -1.60
CA THR A 3 -2.05 -0.15 -0.40
C THR A 3 -0.88 0.74 -0.73
N LEU A 4 -1.20 1.89 -1.26
CA LEU A 4 -0.14 2.87 -1.65
C LEU A 4 0.20 3.71 -0.39
N ASP A 5 0.17 2.98 0.70
CA ASP A 5 0.46 3.47 2.07
C ASP A 5 1.49 2.51 2.67
N ALA A 6 1.22 1.25 2.46
CA ALA A 6 2.11 0.16 2.97
C ALA A 6 3.01 -0.32 1.84
N ASP A 7 2.34 -0.68 0.78
CA ASP A 7 2.88 -1.21 -0.52
C ASP A 7 2.25 -2.59 -0.69
N PHE A 8 2.00 -3.14 0.46
CA PHE A 8 1.40 -4.50 0.63
C PHE A 8 0.11 -4.50 1.46
N PHE A 2 -4.35 0.32 -4.10
CA PHE A 2 -4.69 -0.60 -3.00
C PHE A 2 -4.03 -0.12 -1.72
N THR A 3 -2.80 -0.51 -1.54
CA THR A 3 -2.02 -0.14 -0.35
C THR A 3 -0.84 0.72 -0.72
N LEU A 4 -1.16 1.85 -1.29
CA LEU A 4 -0.08 2.83 -1.69
C LEU A 4 0.21 3.70 -0.45
N ASP A 5 0.18 3.00 0.63
CA ASP A 5 0.41 3.46 2.02
C ASP A 5 1.43 2.51 2.66
N ALA A 6 1.21 1.25 2.42
CA ALA A 6 2.10 0.18 2.97
C ALA A 6 3.04 -0.31 1.87
N ASP A 7 2.39 -0.69 0.82
CA ASP A 7 2.96 -1.24 -0.46
C ASP A 7 2.27 -2.58 -0.67
N PHE A 8 1.98 -3.18 0.45
CA PHE A 8 1.31 -4.51 0.49
C PHE A 8 0.01 -4.49 1.31
N PHE A 2 -4.61 0.33 -4.08
CA PHE A 2 -4.77 -0.69 -3.03
C PHE A 2 -4.10 -0.19 -1.77
N THR A 3 -2.87 -0.58 -1.59
CA THR A 3 -2.07 -0.18 -0.42
C THR A 3 -0.87 0.69 -0.77
N LEU A 4 -1.14 1.85 -1.32
CA LEU A 4 -0.01 2.76 -1.67
C LEU A 4 0.30 3.62 -0.43
N ASP A 5 0.23 2.93 0.68
CA ASP A 5 0.47 3.47 2.04
C ASP A 5 1.49 2.51 2.68
N ALA A 6 1.22 1.25 2.49
CA ALA A 6 2.08 0.16 3.03
C ALA A 6 3.03 -0.31 1.94
N ASP A 7 2.39 -0.63 0.85
CA ASP A 7 2.97 -1.14 -0.43
C ASP A 7 2.28 -2.48 -0.67
N PHE A 8 1.98 -3.09 0.45
CA PHE A 8 1.32 -4.42 0.48
C PHE A 8 -0.03 -4.36 1.21
N PHE A 2 -4.82 0.81 -3.75
CA PHE A 2 -4.83 -0.37 -2.87
C PHE A 2 -3.94 -0.15 -1.65
N THR A 3 -2.68 -0.41 -1.82
CA THR A 3 -1.68 -0.25 -0.73
C THR A 3 -0.61 0.79 -1.06
N LEU A 4 -1.04 1.96 -1.44
CA LEU A 4 -0.05 3.04 -1.76
C LEU A 4 0.13 3.83 -0.44
N ASP A 5 0.10 3.03 0.59
CA ASP A 5 0.24 3.43 2.01
C ASP A 5 1.25 2.50 2.67
N ALA A 6 1.10 1.24 2.36
CA ALA A 6 2.00 0.17 2.89
C ALA A 6 2.96 -0.34 1.84
N ASP A 7 2.32 -0.78 0.78
CA ASP A 7 2.94 -1.38 -0.45
C ASP A 7 2.32 -2.76 -0.57
N PHE A 8 2.06 -3.30 0.59
CA PHE A 8 1.45 -4.65 0.74
C PHE A 8 0.13 -4.63 1.51
N PHE A 2 -3.98 -0.43 -4.23
CA PHE A 2 -4.30 -1.17 -3.01
C PHE A 2 -3.96 -0.32 -1.79
N THR A 3 -2.74 -0.47 -1.36
CA THR A 3 -2.21 0.26 -0.19
C THR A 3 -1.03 1.13 -0.61
N LEU A 4 -1.30 2.32 -1.05
CA LEU A 4 -0.17 3.20 -1.47
C LEU A 4 0.21 4.02 -0.24
N ASP A 5 0.30 3.25 0.81
CA ASP A 5 0.65 3.65 2.20
C ASP A 5 1.69 2.64 2.69
N ALA A 6 1.40 1.39 2.43
CA ALA A 6 2.32 0.28 2.84
C ALA A 6 2.94 -0.30 1.56
N ASP A 7 2.04 -0.69 0.70
CA ASP A 7 2.27 -1.31 -0.65
C ASP A 7 2.21 -2.83 -0.46
N PHE A 8 1.39 -3.22 0.48
CA PHE A 8 1.17 -4.66 0.83
C PHE A 8 -0.18 -5.20 0.35
N PHE A 2 -4.58 0.37 -4.08
CA PHE A 2 -4.71 -0.67 -3.04
C PHE A 2 -4.04 -0.17 -1.76
N THR A 3 -2.81 -0.53 -1.60
CA THR A 3 -2.01 -0.14 -0.43
C THR A 3 -0.82 0.75 -0.77
N LEU A 4 -1.11 1.90 -1.32
CA LEU A 4 0.00 2.84 -1.68
C LEU A 4 0.24 3.72 -0.43
N ASP A 5 0.21 2.98 0.66
CA ASP A 5 0.41 3.45 2.06
C ASP A 5 1.42 2.52 2.70
N ALA A 6 1.24 1.25 2.44
CA ALA A 6 2.13 0.18 2.97
C ALA A 6 3.06 -0.30 1.87
N ASP A 7 2.38 -0.68 0.82
CA ASP A 7 2.94 -1.23 -0.47
C ASP A 7 2.25 -2.58 -0.66
N PHE A 8 1.98 -3.17 0.46
CA PHE A 8 1.31 -4.51 0.54
C PHE A 8 0.03 -4.49 1.37
#